data_4UVQ
#
_entry.id   4UVQ
#
_cell.length_a   64.110
_cell.length_b   95.190
_cell.length_c   40.160
_cell.angle_alpha   90.00
_cell.angle_beta   90.00
_cell.angle_gamma   90.00
#
_symmetry.space_group_name_H-M   'P 21 21 2'
#
loop_
_entity.id
_entity.type
_entity.pdbx_description
1 polymer 'THIAZOLINE OXIDASE/SUBTILISIN-LIKE PROTEASE'
2 non-polymer 'ZINC ION'
3 water water
#
_entity_poly.entity_id   1
_entity_poly.type   'polypeptide(L)'
_entity_poly.pdbx_seq_one_letter_code
;GA(MSE)VEASTAFSGNVYALGTIGYDFGDEARRDTFKER(MSE)ADPYDARQ(MSE)VERLDRNPDEARSLIWTLNLEG
DVIYALDPKGPFATNVYEIFLQ(MSE)LAGQLEPETSADFIERLSVPARRTTRTVELFSGEVVPVVNVRDPRG(MSE)YG
WNVNALVDAALATVEYEEADEDSLRQGLTAFLNRVYHDLHNLGQTSRDRALNFTVTNTFQAASTFAQAIASGRQLDTIEV
NKSPYCRLNSDCWDVLLTFYDPEHGRRSRRVFRFTLDVVYVLPVTVGSIKSWSLPG
;
_entity_poly.pdbx_strand_id   A
#
loop_
_chem_comp.id
_chem_comp.type
_chem_comp.name
_chem_comp.formula
ZN non-polymer 'ZINC ION' 'Zn 2'
#
# COMPACT_ATOMS: atom_id res chain seq x y z
N PHE A 10 -5.47 -2.88 -23.52
CA PHE A 10 -4.74 -3.28 -22.32
C PHE A 10 -3.25 -3.01 -22.47
N SER A 11 -2.73 -2.16 -21.58
CA SER A 11 -1.33 -1.75 -21.63
C SER A 11 -0.55 -2.29 -20.43
N GLY A 12 -1.11 -3.25 -19.73
CA GLY A 12 -0.47 -3.81 -18.54
C GLY A 12 -1.09 -3.31 -17.25
N ASN A 13 -0.67 -3.91 -16.15
CA ASN A 13 -1.17 -3.53 -14.84
C ASN A 13 -0.15 -2.73 -14.03
N VAL A 14 -0.67 -2.06 -13.02
CA VAL A 14 0.15 -1.36 -12.04
C VAL A 14 -0.34 -1.78 -10.67
N TYR A 15 0.60 -2.01 -9.75
CA TYR A 15 0.26 -2.22 -8.35
C TYR A 15 1.19 -1.33 -7.54
N ALA A 16 0.63 -0.24 -7.01
CA ALA A 16 1.43 0.84 -6.45
C ALA A 16 1.15 1.08 -4.97
N LEU A 17 2.17 1.53 -4.26
CA LEU A 17 2.03 1.96 -2.88
C LEU A 17 2.36 3.43 -2.77
N GLY A 18 1.87 4.08 -1.72
CA GLY A 18 2.29 5.44 -1.43
C GLY A 18 1.28 6.28 -0.68
N THR A 19 1.15 7.52 -1.14
CA THR A 19 0.38 8.56 -0.48
C THR A 19 -0.58 9.17 -1.48
N ILE A 20 -1.86 9.23 -1.14
CA ILE A 20 -2.79 9.88 -2.06
C ILE A 20 -2.77 11.38 -1.84
N GLY A 21 -2.99 12.12 -2.93
CA GLY A 21 -3.08 13.56 -2.87
C GLY A 21 -3.97 14.07 -3.97
N TYR A 22 -4.10 15.39 -4.06
CA TYR A 22 -4.85 16.00 -5.14
C TYR A 22 -4.06 17.16 -5.74
N ASP A 23 -4.45 17.54 -6.96
CA ASP A 23 -3.78 18.60 -7.70
C ASP A 23 -4.84 19.34 -8.51
N PHE A 24 -4.69 20.65 -8.64
CA PHE A 24 -5.69 21.47 -9.33
C PHE A 24 -5.50 21.49 -10.83
N GLY A 25 -4.32 21.11 -11.31
CA GLY A 25 -4.05 21.09 -12.74
C GLY A 25 -3.75 22.48 -13.30
N ASP A 26 -4.69 23.41 -13.11
CA ASP A 26 -4.48 24.79 -13.55
C ASP A 26 -5.12 25.81 -12.62
N GLU A 27 -4.91 27.07 -12.94
CA GLU A 27 -5.32 28.19 -12.09
C GLU A 27 -6.84 28.37 -12.06
N ALA A 28 -7.51 27.98 -13.13
CA ALA A 28 -8.96 28.10 -13.21
C ALA A 28 -9.63 27.14 -12.24
N ARG A 29 -9.10 25.93 -12.16
CA ARG A 29 -9.65 24.93 -11.26
C ARG A 29 -9.29 25.28 -9.82
N ARG A 30 -8.08 25.79 -9.62
CA ARG A 30 -7.64 26.26 -8.31
C ARG A 30 -8.59 27.36 -7.81
N ASP A 31 -8.92 28.30 -8.69
CA ASP A 31 -9.77 29.42 -8.33
C ASP A 31 -11.18 28.96 -7.97
N THR A 32 -11.67 27.94 -8.68
CA THR A 32 -12.98 27.37 -8.39
C THR A 32 -13.06 26.97 -6.91
N PHE A 33 -12.01 26.32 -6.43
CA PHE A 33 -11.99 25.83 -5.05
C PHE A 33 -11.60 26.91 -4.04
N LYS A 34 -10.91 27.96 -4.48
CA LYS A 34 -10.59 29.07 -3.59
C LYS A 34 -11.87 29.79 -3.16
N GLU A 35 -12.90 29.71 -3.98
CA GLU A 35 -14.19 30.31 -3.67
C GLU A 35 -15.06 29.40 -2.80
N ARG A 36 -14.63 28.16 -2.62
CA ARG A 36 -15.45 27.15 -1.93
C ARG A 36 -14.95 26.85 -0.52
N MSE A 37 -13.78 27.38 -0.17
CA MSE A 37 -13.29 27.28 1.19
C MSE A 37 -12.18 28.30 1.41
O MSE A 37 -11.62 28.86 0.46
CB MSE A 37 -12.78 25.86 1.49
CG MSE A 37 -11.44 25.50 0.86
SE MSE A 37 -11.35 23.62 0.32
CE MSE A 37 -12.47 23.76 -1.27
H MSE A 37 -13.27 27.81 -0.71
HA MSE A 37 -14.01 27.47 1.81
HB2 MSE A 37 -12.69 25.76 2.45
HB3 MSE A 37 -13.44 25.22 1.16
HG2 MSE A 37 -11.30 26.05 0.06
HG3 MSE A 37 -10.74 25.67 1.49
HE1 MSE A 37 -12.06 24.38 -1.90
HE2 MSE A 37 -12.54 22.88 -1.69
HE3 MSE A 37 -13.34 24.07 -1.02
N ALA A 38 -11.88 28.57 2.68
CA ALA A 38 -10.86 29.55 3.05
C ALA A 38 -9.52 29.25 2.38
N ASP A 39 -9.13 27.99 2.41
CA ASP A 39 -7.80 27.58 1.95
C ASP A 39 -7.83 26.18 1.35
N PRO A 40 -7.91 26.09 0.00
CA PRO A 40 -8.01 24.79 -0.67
C PRO A 40 -6.74 23.96 -0.62
N TYR A 41 -5.66 24.53 -0.10
CA TYR A 41 -4.41 23.79 0.08
C TYR A 41 -4.38 23.13 1.45
N ASP A 42 -5.33 23.51 2.30
CA ASP A 42 -5.55 22.82 3.57
C ASP A 42 -6.41 21.59 3.30
N ALA A 43 -5.77 20.42 3.27
CA ALA A 43 -6.44 19.18 2.89
C ALA A 43 -7.60 18.85 3.83
N ARG A 44 -7.51 19.31 5.08
CA ARG A 44 -8.59 19.15 6.03
C ARG A 44 -9.85 19.86 5.51
N GLN A 45 -9.65 21.06 4.97
CA GLN A 45 -10.76 21.83 4.45
C GLN A 45 -11.30 21.18 3.17
N MSE A 46 -10.40 20.64 2.35
CA MSE A 46 -10.82 20.00 1.11
C MSE A 46 -11.61 18.73 1.40
O MSE A 46 -12.61 18.46 0.73
CB MSE A 46 -9.61 19.68 0.22
CG MSE A 46 -9.98 18.99 -1.09
SE MSE A 46 -11.08 20.10 -2.27
CE MSE A 46 -9.67 21.33 -2.86
H MSE A 46 -9.55 20.62 2.50
HA MSE A 46 -11.39 20.61 0.63
HB2 MSE A 46 -9.16 20.50 0.01
HB3 MSE A 46 -9.01 19.08 0.71
HG2 MSE A 46 -9.16 18.77 -1.57
HG3 MSE A 46 -10.48 18.18 -0.90
HE1 MSE A 46 -8.97 20.82 -3.31
HE2 MSE A 46 -10.04 21.98 -3.47
HE3 MSE A 46 -9.30 21.79 -2.09
N VAL A 47 -11.16 17.94 2.38
CA VAL A 47 -11.89 16.74 2.77
C VAL A 47 -13.32 17.10 3.18
N GLU A 48 -13.45 18.15 3.99
CA GLU A 48 -14.76 18.61 4.44
C GLU A 48 -15.62 19.03 3.25
N ARG A 49 -15.03 19.78 2.33
CA ARG A 49 -15.76 20.27 1.16
C ARG A 49 -16.25 19.12 0.28
N LEU A 50 -15.36 18.17 0.03
CA LEU A 50 -15.69 17.05 -0.86
C LEU A 50 -16.65 16.07 -0.18
N ASP A 51 -16.60 15.96 1.13
CA ASP A 51 -17.52 15.08 1.84
C ASP A 51 -18.93 15.63 1.75
N ARG A 52 -19.05 16.95 1.72
CA ARG A 52 -20.36 17.60 1.60
C ARG A 52 -20.80 17.69 0.14
N ASN A 53 -19.83 17.72 -0.77
CA ASN A 53 -20.10 17.90 -2.20
C ASN A 53 -19.35 16.89 -3.06
N PRO A 54 -19.75 15.61 -3.02
CA PRO A 54 -18.99 14.51 -3.62
C PRO A 54 -18.61 14.70 -5.09
N ASP A 55 -19.50 15.29 -5.88
CA ASP A 55 -19.27 15.41 -7.32
C ASP A 55 -18.11 16.34 -7.66
N GLU A 56 -17.69 17.17 -6.69
CA GLU A 56 -16.59 18.11 -6.93
C GLU A 56 -15.25 17.38 -7.00
N ALA A 57 -15.22 16.14 -6.51
CA ALA A 57 -13.99 15.34 -6.56
C ALA A 57 -13.56 15.08 -7.99
N ARG A 58 -14.51 15.04 -8.91
CA ARG A 58 -14.23 14.81 -10.32
C ARG A 58 -13.42 15.95 -10.94
N SER A 59 -13.43 17.11 -10.28
CA SER A 59 -12.80 18.30 -10.81
C SER A 59 -11.33 18.41 -10.44
N LEU A 60 -10.84 17.45 -9.65
CA LEU A 60 -9.45 17.43 -9.23
C LEU A 60 -8.68 16.34 -9.96
N ILE A 61 -7.37 16.52 -10.07
CA ILE A 61 -6.47 15.43 -10.40
C ILE A 61 -6.07 14.72 -9.12
N TRP A 62 -6.35 13.43 -9.05
CA TRP A 62 -5.98 12.62 -7.90
C TRP A 62 -4.66 11.94 -8.18
N THR A 63 -3.75 12.04 -7.23
CA THR A 63 -2.38 11.58 -7.42
C THR A 63 -2.00 10.49 -6.42
N LEU A 64 -1.12 9.60 -6.87
CA LEU A 64 -0.45 8.69 -5.95
C LEU A 64 1.01 9.12 -5.87
N ASN A 65 1.48 9.26 -4.64
N ASN A 65 1.46 9.35 -4.63
CA ASN A 65 2.80 9.81 -4.35
CA ASN A 65 2.82 9.76 -4.38
C ASN A 65 3.62 8.85 -3.50
C ASN A 65 3.57 8.72 -3.59
N LEU A 66 4.83 8.50 -3.95
CA LEU A 66 5.73 7.67 -3.17
C LEU A 66 6.92 8.50 -2.72
N GLU A 67 6.90 8.85 -1.43
CA GLU A 67 8.00 9.56 -0.78
C GLU A 67 8.41 10.78 -1.61
N GLY A 68 7.38 11.54 -1.99
CA GLY A 68 7.48 12.87 -2.58
C GLY A 68 7.55 12.93 -4.08
N ASP A 69 7.63 11.77 -4.69
CA ASP A 69 7.63 11.63 -6.14
C ASP A 69 6.20 11.35 -6.60
N VAL A 70 5.58 12.28 -7.33
CA VAL A 70 4.28 11.99 -7.91
C VAL A 70 4.48 10.96 -9.01
N ILE A 71 3.97 9.75 -8.81
CA ILE A 71 4.26 8.65 -9.72
C ILE A 71 3.07 8.35 -10.66
N TYR A 72 1.85 8.59 -10.19
CA TYR A 72 0.67 8.37 -11.04
C TYR A 72 -0.44 9.37 -10.79
N ALA A 73 -1.20 9.64 -11.84
CA ALA A 73 -2.53 10.22 -11.70
C ALA A 73 -3.54 9.09 -11.71
N LEU A 74 -4.51 9.15 -10.81
CA LEU A 74 -5.48 8.08 -10.65
C LEU A 74 -6.81 8.50 -11.26
N ASP A 75 -7.22 7.78 -12.30
CA ASP A 75 -8.44 8.11 -13.03
C ASP A 75 -9.51 7.05 -12.81
N PRO A 76 -10.51 7.34 -11.96
CA PRO A 76 -11.61 6.38 -11.85
C PRO A 76 -12.48 6.39 -13.09
N LYS A 77 -12.75 5.22 -13.64
CA LYS A 77 -13.63 5.11 -14.79
C LYS A 77 -14.44 3.83 -14.73
N GLY A 78 -15.50 3.79 -15.51
CA GLY A 78 -16.44 2.69 -15.46
C GLY A 78 -17.58 3.02 -14.53
N PRO A 79 -18.48 2.07 -14.31
CA PRO A 79 -19.69 2.30 -13.51
C PRO A 79 -19.42 2.52 -12.03
N PHE A 80 -18.19 2.25 -11.57
CA PHE A 80 -17.87 2.37 -10.15
C PHE A 80 -16.97 3.57 -9.85
N ALA A 81 -16.91 4.53 -10.77
CA ALA A 81 -16.05 5.70 -10.56
C ALA A 81 -16.44 6.44 -9.29
N THR A 82 -17.74 6.59 -9.05
CA THR A 82 -18.21 7.27 -7.87
C THR A 82 -17.71 6.54 -6.62
N ASN A 83 -17.85 5.22 -6.62
CA ASN A 83 -17.34 4.38 -5.53
C ASN A 83 -15.87 4.59 -5.27
N VAL A 84 -15.09 4.69 -6.34
CA VAL A 84 -13.66 4.88 -6.24
C VAL A 84 -13.33 6.27 -5.67
N TYR A 85 -14.03 7.30 -6.14
CA TYR A 85 -13.80 8.65 -5.60
C TYR A 85 -14.03 8.67 -4.10
N GLU A 86 -15.03 7.91 -3.65
CA GLU A 86 -15.32 7.81 -2.23
C GLU A 86 -14.15 7.23 -1.47
N ILE A 87 -13.51 6.20 -2.03
CA ILE A 87 -12.35 5.61 -1.38
C ILE A 87 -11.16 6.59 -1.40
N PHE A 88 -10.96 7.30 -2.50
CA PHE A 88 -9.93 8.34 -2.57
C PHE A 88 -10.09 9.30 -1.39
N LEU A 89 -11.30 9.75 -1.16
CA LEU A 89 -11.54 10.73 -0.11
C LEU A 89 -11.28 10.12 1.26
N GLN A 90 -11.69 8.88 1.42
CA GLN A 90 -11.51 8.16 2.68
C GLN A 90 -10.02 8.03 2.99
N MSE A 91 -9.23 7.77 1.96
CA MSE A 91 -7.79 7.63 2.14
CA MSE A 91 -7.78 7.65 2.09
C MSE A 91 -7.15 9.00 2.41
O MSE A 91 -6.29 9.11 3.29
CB MSE A 91 -7.16 6.98 0.91
CB MSE A 91 -7.18 7.11 0.78
CG MSE A 91 -7.66 5.56 0.62
CG MSE A 91 -7.55 5.66 0.48
SE MSE A 91 -7.46 4.26 2.08
SE MSE A 91 -6.76 4.96 -1.16
CE MSE A 91 -9.29 4.17 2.74
CE MSE A 91 -7.64 5.95 -2.49
H MSE A 91 -9.50 7.66 1.15
H MSE A 91 -9.52 7.64 1.16
HA MSE A 91 -7.63 7.05 2.90
HA MSE A 91 -7.57 7.02 2.79
HB2 MSE A 91 -7.36 7.52 0.13
HB2 MSE A 91 -7.50 7.66 0.04
HB3 MSE A 91 -6.20 6.92 1.04
HB3 MSE A 91 -6.21 7.16 0.83
HG2 MSE A 91 -8.60 5.60 0.40
HG2 MSE A 91 -7.26 5.11 1.22
HG3 MSE A 91 -7.17 5.21 -0.14
HG3 MSE A 91 -8.52 5.60 0.39
HE1 MSE A 91 -9.87 3.86 2.02
HE1 MSE A 91 -7.46 6.89 -2.36
HE2 MSE A 91 -9.32 3.54 3.48
HE2 MSE A 91 -7.31 5.66 -3.36
HE3 MSE A 91 -9.56 5.05 3.03
HE3 MSE A 91 -8.59 5.78 -2.43
N LEU A 92 -7.59 10.03 1.71
CA LEU A 92 -7.08 11.38 1.92
C LEU A 92 -7.36 11.81 3.36
N ALA A 93 -8.58 11.53 3.83
CA ALA A 93 -9.00 11.92 5.17
C ALA A 93 -8.21 11.17 6.24
N GLY A 94 -8.00 9.88 6.02
CA GLY A 94 -7.31 9.05 6.99
C GLY A 94 -5.86 9.46 7.18
N GLN A 95 -5.25 9.96 6.11
CA GLN A 95 -3.86 10.40 6.18
C GLN A 95 -3.72 11.64 7.09
N LEU A 96 -4.81 12.39 7.22
CA LEU A 96 -4.85 13.62 8.01
C LEU A 96 -5.22 13.40 9.46
N GLU A 97 -5.64 12.18 9.81
CA GLU A 97 -6.07 11.90 11.17
C GLU A 97 -4.91 11.98 12.15
N PRO A 98 -5.21 12.24 13.43
CA PRO A 98 -4.18 12.05 14.45
C PRO A 98 -3.59 10.63 14.38
N GLU A 99 -2.30 10.50 14.64
CA GLU A 99 -1.61 9.22 14.51
C GLU A 99 -2.22 8.16 15.43
N THR A 100 -2.96 8.62 16.44
CA THR A 100 -3.59 7.75 17.42
C THR A 100 -5.02 7.34 17.06
N SER A 101 -5.51 7.85 15.93
CA SER A 101 -6.87 7.57 15.50
C SER A 101 -7.00 6.20 14.86
N ALA A 102 -8.12 5.54 15.12
CA ALA A 102 -8.41 4.25 14.50
C ALA A 102 -8.49 4.36 12.98
N ASP A 103 -8.78 5.56 12.48
CA ASP A 103 -8.90 5.80 11.04
C ASP A 103 -7.62 6.35 10.42
N PHE A 104 -6.55 6.46 11.19
CA PHE A 104 -5.27 6.94 10.68
C PHE A 104 -4.74 6.03 9.57
N ILE A 105 -4.23 6.65 8.51
CA ILE A 105 -3.66 5.94 7.37
C ILE A 105 -2.27 6.48 7.04
N GLU A 106 -1.31 5.58 6.91
CA GLU A 106 0.06 5.94 6.52
C GLU A 106 0.64 4.96 5.49
N ARG A 107 -0.12 3.94 5.14
CA ARG A 107 0.27 3.00 4.08
C ARG A 107 -0.93 2.79 3.17
N LEU A 108 -0.66 2.67 1.86
CA LEU A 108 -1.71 2.62 0.86
C LEU A 108 -1.35 1.69 -0.29
N SER A 109 -2.29 0.84 -0.71
CA SER A 109 -2.12 0.05 -1.93
C SER A 109 -3.17 0.42 -2.97
N VAL A 110 -2.74 0.54 -4.22
CA VAL A 110 -3.64 0.88 -5.32
C VAL A 110 -3.34 0.01 -6.54
N PRO A 111 -4.25 -0.93 -6.85
CA PRO A 111 -4.16 -1.64 -8.14
C PRO A 111 -4.76 -0.79 -9.26
N ALA A 112 -4.21 -0.87 -10.45
CA ALA A 112 -4.72 -0.08 -11.57
C ALA A 112 -4.31 -0.68 -12.91
N ARG A 113 -5.03 -0.27 -13.95
CA ARG A 113 -4.69 -0.61 -15.33
C ARG A 113 -3.91 0.54 -15.96
N ARG A 114 -2.82 0.22 -16.65
CA ARG A 114 -2.05 1.25 -17.34
C ARG A 114 -2.84 1.82 -18.51
N THR A 115 -2.48 3.03 -18.91
CA THR A 115 -3.01 3.66 -20.11
C THR A 115 -1.83 4.21 -20.90
N THR A 116 -2.12 4.95 -21.96
CA THR A 116 -1.08 5.69 -22.68
C THR A 116 -1.40 7.17 -22.59
N ARG A 117 -2.15 7.51 -21.55
CA ARG A 117 -2.54 8.89 -21.28
C ARG A 117 -1.67 9.47 -20.17
N THR A 118 -1.36 10.76 -20.29
CA THR A 118 -0.64 11.47 -19.25
C THR A 118 -1.40 12.74 -18.95
N VAL A 119 -1.13 13.33 -17.79
CA VAL A 119 -1.77 14.58 -17.41
C VAL A 119 -0.72 15.54 -16.86
N GLU A 120 -0.92 16.82 -17.11
CA GLU A 120 -0.01 17.84 -16.62
C GLU A 120 -0.49 18.37 -15.27
N LEU A 121 0.38 18.31 -14.27
CA LEU A 121 0.07 18.86 -12.96
C LEU A 121 0.29 20.37 -12.95
N PHE A 122 -0.22 21.03 -11.92
CA PHE A 122 -0.10 22.48 -11.77
C PHE A 122 1.35 22.93 -11.90
N SER A 123 2.25 22.13 -11.34
CA SER A 123 3.68 22.42 -11.35
C SER A 123 4.28 22.38 -12.75
N GLY A 124 3.59 21.73 -13.68
CA GLY A 124 4.09 21.53 -15.03
C GLY A 124 4.63 20.14 -15.25
N GLU A 125 4.78 19.37 -14.17
CA GLU A 125 5.18 17.98 -14.29
C GLU A 125 4.13 17.18 -15.05
N VAL A 126 4.60 16.28 -15.90
CA VAL A 126 3.71 15.38 -16.64
C VAL A 126 3.83 13.97 -16.08
N VAL A 127 2.70 13.42 -15.61
CA VAL A 127 2.68 12.11 -14.97
C VAL A 127 1.74 11.15 -15.70
N PRO A 128 2.05 9.85 -15.67
CA PRO A 128 1.19 8.86 -16.33
C PRO A 128 -0.13 8.63 -15.59
N VAL A 129 -1.19 8.44 -16.38
CA VAL A 129 -2.51 8.18 -15.84
C VAL A 129 -2.75 6.67 -15.79
N VAL A 130 -3.31 6.20 -14.68
CA VAL A 130 -3.72 4.80 -14.56
C VAL A 130 -5.20 4.74 -14.18
N ASN A 131 -5.89 3.72 -14.68
CA ASN A 131 -7.31 3.55 -14.42
C ASN A 131 -7.56 2.69 -13.20
N VAL A 132 -8.26 3.26 -12.23
CA VAL A 132 -8.72 2.55 -11.03
C VAL A 132 -10.21 2.28 -11.19
N ARG A 133 -10.56 1.01 -11.43
CA ARG A 133 -11.90 0.67 -11.89
C ARG A 133 -12.94 0.49 -10.78
N ASP A 134 -12.50 0.03 -9.61
CA ASP A 134 -13.40 -0.16 -8.48
C ASP A 134 -12.59 -0.27 -7.19
N PRO A 135 -13.26 -0.29 -6.03
CA PRO A 135 -12.54 -0.29 -4.74
C PRO A 135 -11.74 -1.55 -4.38
N ARG A 136 -11.90 -2.66 -5.11
CA ARG A 136 -11.27 -3.90 -4.72
C ARG A 136 -9.75 -3.81 -4.67
N GLY A 137 -9.17 -4.34 -3.59
CA GLY A 137 -7.72 -4.41 -3.45
C GLY A 137 -7.09 -3.10 -3.05
N MSE A 138 -7.91 -2.07 -2.85
CA MSE A 138 -7.40 -0.79 -2.36
C MSE A 138 -7.46 -0.79 -0.84
O MSE A 138 -8.54 -0.74 -0.26
CB MSE A 138 -8.21 0.38 -2.92
CG MSE A 138 -8.39 0.37 -4.42
SE MSE A 138 -9.40 1.94 -4.98
CE MSE A 138 -8.10 3.24 -4.34
H MSE A 138 -8.75 -2.08 -2.99
HA MSE A 138 -6.48 -0.68 -2.64
HB2 MSE A 138 -9.09 0.36 -2.51
HB3 MSE A 138 -7.77 1.21 -2.68
HG2 MSE A 138 -7.52 0.39 -4.84
HG3 MSE A 138 -8.88 -0.42 -4.68
HE1 MSE A 138 -7.25 3.09 -4.79
HE2 MSE A 138 -8.42 4.13 -4.53
HE3 MSE A 138 -7.99 3.12 -3.38
N TYR A 139 -6.29 -0.86 -0.22
CA TYR A 139 -6.21 -0.92 1.24
C TYR A 139 -5.48 0.26 1.82
N GLY A 140 -5.90 0.66 3.01
CA GLY A 140 -5.20 1.67 3.79
C GLY A 140 -4.95 1.09 5.16
N TRP A 141 -3.71 1.21 5.62
CA TRP A 141 -3.34 0.72 6.95
C TRP A 141 -2.64 1.79 7.76
N ASN A 142 -2.56 1.54 9.07
CA ASN A 142 -1.52 2.16 9.87
C ASN A 142 -0.80 1.06 10.63
N VAL A 143 0.49 1.27 10.86
CA VAL A 143 1.36 0.24 11.38
C VAL A 143 0.95 -0.18 12.79
N ASN A 144 0.64 0.79 13.64
CA ASN A 144 0.22 0.50 15.01
C ASN A 144 -0.94 -0.49 15.08
N ALA A 145 -1.93 -0.32 14.20
CA ALA A 145 -3.09 -1.20 14.17
C ALA A 145 -2.72 -2.62 13.74
N LEU A 146 -1.78 -2.73 12.79
CA LEU A 146 -1.26 -4.01 12.36
C LEU A 146 -0.53 -4.73 13.50
N VAL A 147 0.25 -3.95 14.24
CA VAL A 147 1.01 -4.51 15.36
C VAL A 147 0.07 -5.01 16.44
N ASP A 148 -0.96 -4.23 16.77
CA ASP A 148 -1.95 -4.65 17.76
C ASP A 148 -2.60 -5.96 17.36
N ALA A 149 -2.94 -6.11 16.09
CA ALA A 149 -3.50 -7.34 15.58
C ALA A 149 -2.52 -8.51 15.76
N ALA A 150 -1.26 -8.26 15.43
CA ALA A 150 -0.21 -9.26 15.57
C ALA A 150 -0.03 -9.70 17.03
N LEU A 151 -0.03 -8.73 17.93
CA LEU A 151 0.20 -9.02 19.36
C LEU A 151 -0.90 -9.91 19.94
N ALA A 152 -2.09 -9.83 19.36
CA ALA A 152 -3.25 -10.53 19.90
C ALA A 152 -3.12 -12.06 19.80
N THR A 153 -2.19 -12.52 18.96
CA THR A 153 -2.09 -13.95 18.64
C THR A 153 -0.93 -14.66 19.34
N VAL A 154 -0.17 -13.93 20.15
CA VAL A 154 1.00 -14.52 20.83
C VAL A 154 0.96 -14.25 22.34
N GLU A 155 1.70 -15.08 23.09
CA GLU A 155 1.71 -15.01 24.55
C GLU A 155 2.96 -14.29 25.06
N TYR A 156 2.79 -13.43 26.07
CA TYR A 156 3.91 -12.64 26.60
C TYR A 156 3.57 -11.89 27.88
N GLU A 157 4.52 -11.06 28.32
CA GLU A 157 4.34 -10.05 29.37
C GLU A 157 2.89 -9.67 29.60
N ASP A 160 7.73 -7.39 28.31
CA ASP A 160 8.03 -7.88 26.97
C ASP A 160 7.19 -7.21 25.89
N GLU A 161 5.97 -6.74 26.22
CA GLU A 161 5.10 -6.24 25.16
C GLU A 161 5.73 -5.06 24.44
N ASP A 162 6.30 -4.14 25.20
CA ASP A 162 6.94 -2.96 24.62
C ASP A 162 8.03 -3.39 23.63
N SER A 163 8.84 -4.35 24.03
CA SER A 163 9.90 -4.87 23.17
C SER A 163 9.34 -5.56 21.92
N LEU A 164 8.27 -6.32 22.11
CA LEU A 164 7.67 -7.05 21.01
C LEU A 164 7.00 -6.08 20.04
N ARG A 165 6.32 -5.07 20.59
CA ARG A 165 5.68 -4.03 19.79
C ARG A 165 6.70 -3.29 18.92
N GLN A 166 7.85 -2.92 19.49
CA GLN A 166 8.86 -2.19 18.72
C GLN A 166 9.50 -3.10 17.67
N GLY A 167 9.70 -4.37 17.99
CA GLY A 167 10.26 -5.32 17.04
C GLY A 167 9.34 -5.56 15.84
N LEU A 168 8.04 -5.65 16.10
CA LEU A 168 7.06 -5.82 15.03
C LEU A 168 6.95 -4.57 14.17
N THR A 169 6.99 -3.41 14.83
CA THR A 169 6.96 -2.12 14.13
C THR A 169 8.15 -2.01 13.17
N ALA A 170 9.34 -2.32 13.67
CA ALA A 170 10.56 -2.22 12.88
C ALA A 170 10.54 -3.19 11.70
N PHE A 171 10.00 -4.38 11.92
CA PHE A 171 9.86 -5.36 10.86
C PHE A 171 8.95 -4.84 9.74
N LEU A 172 7.75 -4.39 10.09
CA LEU A 172 6.78 -3.96 9.09
C LEU A 172 7.28 -2.73 8.32
N ASN A 173 7.95 -1.82 9.02
CA ASN A 173 8.51 -0.64 8.37
C ASN A 173 9.69 -0.99 7.46
N ARG A 174 10.57 -1.88 7.92
CA ARG A 174 11.67 -2.32 7.07
C ARG A 174 11.19 -2.94 5.76
N VAL A 175 10.19 -3.83 5.84
CA VAL A 175 9.68 -4.49 4.65
C VAL A 175 9.16 -3.47 3.65
N TYR A 176 8.43 -2.49 4.13
CA TYR A 176 7.91 -1.42 3.28
C TYR A 176 9.04 -0.68 2.57
N HIS A 177 10.01 -0.17 3.32
CA HIS A 177 11.04 0.66 2.71
C HIS A 177 12.02 -0.16 1.89
N ASP A 178 12.22 -1.42 2.24
CA ASP A 178 13.09 -2.27 1.44
C ASP A 178 12.51 -2.52 0.05
N LEU A 179 11.19 -2.63 -0.03
CA LEU A 179 10.56 -3.17 -1.24
C LEU A 179 9.78 -2.16 -2.09
N HIS A 180 9.33 -1.06 -1.51
CA HIS A 180 8.41 -0.18 -2.26
C HIS A 180 9.05 0.30 -3.55
N ASN A 181 8.26 0.33 -4.61
CA ASN A 181 8.77 0.66 -5.94
C ASN A 181 7.67 1.18 -6.86
N LEU A 182 8.02 1.47 -8.11
CA LEU A 182 7.09 2.10 -9.05
C LEU A 182 5.90 1.21 -9.40
N GLY A 183 6.08 -0.11 -9.27
CA GLY A 183 4.98 -1.05 -9.40
C GLY A 183 4.46 -1.33 -10.81
N GLN A 184 5.35 -1.34 -11.80
CA GLN A 184 4.95 -1.59 -13.18
C GLN A 184 5.34 -2.98 -13.70
N THR A 185 6.62 -3.33 -13.61
CA THR A 185 7.08 -4.63 -14.07
C THR A 185 6.51 -5.72 -13.17
N SER A 186 6.49 -6.96 -13.67
CA SER A 186 5.96 -8.08 -12.89
C SER A 186 6.68 -8.21 -11.55
N ARG A 187 8.00 -8.15 -11.58
CA ARG A 187 8.78 -8.25 -10.35
C ARG A 187 8.44 -7.11 -9.40
N ASP A 188 8.33 -5.91 -9.95
CA ASP A 188 8.03 -4.74 -9.13
C ASP A 188 6.64 -4.85 -8.50
N ARG A 189 5.67 -5.37 -9.25
CA ARG A 189 4.33 -5.58 -8.70
C ARG A 189 4.39 -6.64 -7.59
N ALA A 190 5.21 -7.65 -7.81
CA ALA A 190 5.36 -8.73 -6.83
C ALA A 190 5.94 -8.18 -5.51
N LEU A 191 6.93 -7.29 -5.62
CA LEU A 191 7.54 -6.71 -4.43
C LEU A 191 6.57 -5.80 -3.69
N ASN A 192 5.79 -5.00 -4.41
CA ASN A 192 4.83 -4.14 -3.74
C ASN A 192 3.74 -4.97 -3.08
N PHE A 193 3.31 -6.04 -3.75
CA PHE A 193 2.25 -6.88 -3.21
C PHE A 193 2.77 -7.71 -2.02
N THR A 194 4.07 -7.95 -1.99
CA THR A 194 4.69 -8.60 -0.84
C THR A 194 4.45 -7.76 0.42
N VAL A 195 4.55 -6.44 0.28
CA VAL A 195 4.27 -5.55 1.40
C VAL A 195 2.83 -5.71 1.86
N THR A 196 1.90 -5.64 0.92
CA THR A 196 0.49 -5.83 1.24
C THR A 196 0.26 -7.15 1.97
N ASN A 197 0.83 -8.22 1.44
CA ASN A 197 0.64 -9.54 2.02
C ASN A 197 1.29 -9.66 3.41
N THR A 198 2.43 -9.01 3.58
CA THR A 198 3.10 -9.02 4.87
C THR A 198 2.26 -8.30 5.91
N PHE A 199 1.69 -7.16 5.53
CA PHE A 199 0.81 -6.41 6.41
C PHE A 199 -0.38 -7.25 6.83
N GLN A 200 -1.05 -7.83 5.84
N GLN A 200 -1.06 -7.83 5.85
CA GLN A 200 -2.26 -8.60 6.07
CA GLN A 200 -2.27 -8.60 6.11
C GLN A 200 -1.98 -9.83 6.93
C GLN A 200 -1.99 -9.83 6.94
N ALA A 201 -0.80 -10.41 6.74
CA ALA A 201 -0.41 -11.62 7.47
C ALA A 201 0.58 -11.30 8.60
N ALA A 202 0.46 -10.11 9.20
CA ALA A 202 1.41 -9.65 10.18
C ALA A 202 1.56 -10.62 11.36
N SER A 203 0.43 -11.14 11.83
CA SER A 203 0.41 -12.03 13.00
C SER A 203 1.22 -13.31 12.75
N THR A 204 1.32 -13.71 11.49
CA THR A 204 2.06 -14.92 11.14
C THR A 204 3.54 -14.80 11.54
N PHE A 205 4.07 -13.58 11.51
CA PHE A 205 5.48 -13.34 11.82
C PHE A 205 5.71 -12.99 13.28
N ALA A 206 4.64 -12.93 14.06
CA ALA A 206 4.72 -12.47 15.44
C ALA A 206 5.42 -13.47 16.36
N GLN A 207 5.17 -14.77 16.16
CA GLN A 207 5.84 -15.78 16.98
C GLN A 207 7.33 -15.70 16.71
N ALA A 208 7.69 -15.48 15.45
CA ALA A 208 9.08 -15.39 15.07
C ALA A 208 9.77 -14.25 15.82
N ILE A 209 9.16 -13.08 15.80
CA ILE A 209 9.74 -11.93 16.49
C ILE A 209 9.69 -12.12 18.01
N ALA A 210 8.60 -12.70 18.49
CA ALA A 210 8.46 -12.97 19.92
C ALA A 210 9.50 -13.98 20.40
N SER A 211 9.94 -14.86 19.50
CA SER A 211 10.93 -15.87 19.86
C SER A 211 12.32 -15.28 20.00
N GLY A 212 12.48 -14.01 19.62
CA GLY A 212 13.76 -13.33 19.67
C GLY A 212 14.48 -13.34 18.34
N ARG A 213 13.75 -13.60 17.27
CA ARG A 213 14.32 -13.53 15.92
C ARG A 213 13.94 -12.23 15.23
N GLN A 214 14.64 -11.94 14.15
CA GLN A 214 14.43 -10.72 13.37
C GLN A 214 14.62 -11.06 11.92
N LEU A 215 14.05 -10.25 11.03
CA LEU A 215 14.19 -10.50 9.60
C LEU A 215 15.65 -10.41 9.19
N ASP A 216 16.10 -11.40 8.42
CA ASP A 216 17.43 -11.38 7.83
C ASP A 216 17.34 -11.07 6.35
N THR A 217 16.73 -11.97 5.60
CA THR A 217 16.67 -11.86 4.13
C THR A 217 15.27 -11.83 3.57
N ILE A 218 15.13 -11.09 2.47
CA ILE A 218 13.98 -11.19 1.60
C ILE A 218 14.48 -11.64 0.25
N GLU A 219 13.94 -12.77 -0.22
CA GLU A 219 14.32 -13.34 -1.51
C GLU A 219 13.04 -13.55 -2.31
N VAL A 220 13.07 -13.15 -3.58
CA VAL A 220 11.90 -13.25 -4.44
C VAL A 220 12.29 -13.96 -5.71
N ASN A 221 11.66 -15.10 -5.98
CA ASN A 221 11.97 -15.88 -7.18
C ASN A 221 10.72 -16.19 -7.98
N LYS A 222 10.89 -16.37 -9.29
CA LYS A 222 9.80 -16.85 -10.13
C LYS A 222 9.37 -18.24 -9.65
N SER A 223 8.07 -18.42 -9.48
CA SER A 223 7.53 -19.62 -8.86
C SER A 223 7.30 -20.75 -9.86
N PRO A 224 7.60 -22.00 -9.46
CA PRO A 224 7.28 -23.16 -10.30
C PRO A 224 5.93 -23.77 -9.95
N TYR A 225 5.19 -23.14 -9.04
CA TYR A 225 4.03 -23.75 -8.40
C TYR A 225 2.68 -23.32 -8.97
N CYS A 226 2.70 -22.51 -10.04
CA CYS A 226 1.46 -22.02 -10.63
C CYS A 226 1.24 -22.57 -12.02
N ARG A 227 0.01 -22.38 -12.50
CA ARG A 227 -0.37 -22.84 -13.82
C ARG A 227 0.36 -22.02 -14.86
N LEU A 228 0.37 -22.52 -16.09
CA LEU A 228 0.95 -21.77 -17.18
C LEU A 228 0.08 -20.54 -17.38
N ASN A 229 0.68 -19.47 -17.90
CA ASN A 229 -0.02 -18.22 -18.16
C ASN A 229 -0.32 -17.45 -16.86
N SER A 230 0.17 -17.97 -15.74
CA SER A 230 0.21 -17.18 -14.52
C SER A 230 1.47 -16.33 -14.52
N ASP A 231 1.58 -15.47 -13.52
CA ASP A 231 2.76 -14.65 -13.32
C ASP A 231 3.10 -14.74 -11.85
N CYS A 232 3.64 -15.89 -11.47
CA CYS A 232 3.80 -16.22 -10.05
C CYS A 232 5.22 -16.04 -9.55
N TRP A 233 5.30 -15.57 -8.31
CA TRP A 233 6.56 -15.31 -7.64
C TRP A 233 6.53 -15.92 -6.24
N ASP A 234 7.60 -16.61 -5.88
CA ASP A 234 7.79 -17.10 -4.52
C ASP A 234 8.59 -16.10 -3.73
N VAL A 235 8.09 -15.73 -2.56
CA VAL A 235 8.76 -14.78 -1.68
C VAL A 235 9.18 -15.51 -0.43
N LEU A 236 10.47 -15.46 -0.12
CA LEU A 236 11.02 -16.08 1.08
C LEU A 236 11.48 -15.03 2.09
N LEU A 237 10.90 -15.05 3.28
CA LEU A 237 11.36 -14.21 4.39
C LEU A 237 12.01 -15.11 5.43
N THR A 238 13.30 -14.90 5.68
CA THR A 238 14.03 -15.71 6.66
C THR A 238 14.37 -14.90 7.89
N PHE A 239 14.09 -15.47 9.06
CA PHE A 239 14.32 -14.81 10.33
C PHE A 239 15.44 -15.50 11.08
N TYR A 240 16.24 -14.74 11.83
CA TYR A 240 17.33 -15.31 12.60
C TYR A 240 17.53 -14.55 13.91
N ASP A 241 18.30 -15.17 14.81
CA ASP A 241 18.62 -14.60 16.11
C ASP A 241 20.11 -14.30 16.16
N PRO A 242 20.49 -13.01 16.09
CA PRO A 242 21.92 -12.68 16.06
C PRO A 242 22.62 -12.89 17.40
N GLU A 243 21.86 -13.04 18.48
CA GLU A 243 22.41 -12.97 19.83
C GLU A 243 22.76 -14.33 20.42
N HIS A 244 22.02 -15.36 20.04
CA HIS A 244 22.14 -16.64 20.72
C HIS A 244 22.64 -17.76 19.82
N GLY A 245 23.96 -17.91 19.83
CA GLY A 245 24.65 -19.05 19.26
C GLY A 245 24.08 -19.67 18.00
N ARG A 246 24.21 -20.99 17.91
CA ARG A 246 23.57 -21.73 16.84
C ARG A 246 22.10 -21.89 17.16
N ARG A 247 21.29 -21.19 16.40
CA ARG A 247 19.85 -21.29 16.53
C ARG A 247 19.27 -21.39 15.15
N SER A 248 18.26 -22.22 14.99
CA SER A 248 17.66 -22.43 13.68
C SER A 248 17.12 -21.12 13.11
N ARG A 249 17.15 -21.03 11.79
CA ARG A 249 16.54 -19.92 11.08
C ARG A 249 15.11 -20.30 10.74
N ARG A 250 14.19 -19.35 10.80
CA ARG A 250 12.82 -19.62 10.40
C ARG A 250 12.52 -18.96 9.07
N VAL A 251 11.97 -19.76 8.16
CA VAL A 251 11.64 -19.31 6.82
C VAL A 251 10.14 -19.24 6.67
N PHE A 252 9.67 -18.20 5.99
CA PHE A 252 8.29 -18.09 5.58
C PHE A 252 8.25 -17.96 4.07
N ARG A 253 7.39 -18.73 3.42
CA ARG A 253 7.22 -18.62 1.98
C ARG A 253 5.77 -18.40 1.62
N PHE A 254 5.52 -17.48 0.71
CA PHE A 254 4.22 -17.43 0.07
C PHE A 254 4.38 -17.14 -1.40
N THR A 255 3.36 -17.53 -2.16
CA THR A 255 3.38 -17.46 -3.60
C THR A 255 2.35 -16.43 -4.04
N LEU A 256 2.78 -15.51 -4.88
CA LEU A 256 1.95 -14.41 -5.35
C LEU A 256 1.78 -14.45 -6.85
N ASP A 257 0.54 -14.29 -7.32
CA ASP A 257 0.26 -14.22 -8.75
C ASP A 257 -0.14 -12.80 -9.11
N VAL A 258 0.72 -12.11 -9.87
CA VAL A 258 0.49 -10.72 -10.21
C VAL A 258 0.02 -10.57 -11.66
N VAL A 259 -0.40 -11.67 -12.29
CA VAL A 259 -0.90 -11.56 -13.66
C VAL A 259 -2.21 -10.75 -13.65
N TYR A 260 -2.97 -10.89 -12.57
CA TYR A 260 -4.25 -10.19 -12.43
C TYR A 260 -4.06 -8.77 -11.93
N VAL A 261 -4.93 -7.86 -12.35
CA VAL A 261 -4.86 -6.48 -11.88
C VAL A 261 -5.07 -6.45 -10.36
N LEU A 262 -5.91 -7.36 -9.86
CA LEU A 262 -5.98 -7.61 -8.42
C LEU A 262 -5.10 -8.83 -8.11
N PRO A 263 -3.86 -8.60 -7.66
CA PRO A 263 -3.01 -9.76 -7.43
C PRO A 263 -3.59 -10.69 -6.36
N VAL A 264 -3.25 -11.98 -6.43
CA VAL A 264 -3.78 -12.95 -5.49
C VAL A 264 -2.66 -13.75 -4.85
N THR A 265 -2.94 -14.21 -3.64
CA THR A 265 -2.03 -15.12 -2.97
C THR A 265 -2.45 -16.53 -3.35
N VAL A 266 -1.46 -17.39 -3.55
CA VAL A 266 -1.70 -18.75 -4.00
C VAL A 266 -1.34 -19.71 -2.88
N GLY A 267 -2.36 -20.36 -2.33
CA GLY A 267 -2.16 -21.28 -1.23
C GLY A 267 -1.91 -20.52 0.06
N SER A 268 -1.54 -21.26 1.10
CA SER A 268 -1.30 -20.68 2.41
C SER A 268 0.16 -20.30 2.55
N ILE A 269 0.46 -19.47 3.53
CA ILE A 269 1.85 -19.17 3.86
C ILE A 269 2.47 -20.42 4.47
N LYS A 270 3.62 -20.82 3.93
CA LYS A 270 4.35 -21.96 4.47
C LYS A 270 5.43 -21.46 5.41
N SER A 271 5.77 -22.26 6.40
CA SER A 271 6.86 -21.93 7.30
C SER A 271 7.58 -23.19 7.75
N TRP A 272 8.90 -23.08 7.89
CA TRP A 272 9.71 -24.19 8.35
C TRP A 272 11.04 -23.67 8.88
N SER A 273 11.78 -24.54 9.57
CA SER A 273 13.09 -24.20 10.12
C SER A 273 14.22 -24.64 9.21
N LEU A 274 15.35 -23.97 9.32
CA LEU A 274 16.59 -24.36 8.68
C LEU A 274 17.70 -24.46 9.70
ZN ZN B . 10.83 4.38 1.96
#